data_2UXP
#
_entry.id   2UXP
#
_cell.length_a   46.457
_cell.length_b   230.673
_cell.length_c   44.006
_cell.angle_alpha   90.00
_cell.angle_beta   90.00
_cell.angle_gamma   90.00
#
_symmetry.space_group_name_H-M   'P 21 21 2'
#
loop_
_entity.id
_entity.type
_entity.pdbx_description
1 polymer 'HTH-TYPE TRANSCRIPTIONAL REGULATOR TTGR'
2 non-polymer CHLORAMPHENICOL
3 water water
#
_entity_poly.entity_id   1
_entity_poly.type   'polypeptide(L)'
_entity_poly.pdbx_seq_one_letter_code
;MVRRTKEEAQETRAQIIEAAERAFYKRGVARTTLADIAELAGVTRGAIYWHFNNKAELVQALLDSLHETHDHLARASESE
DEVDPLGCMRKLLLQVFNELVLDARTRRINEILHHKCEFTDDMCEIRQQRQSAVLDCHKGITLALANAVRRGQLPGELDA
ERAAVAMFAYVDGLIRRWLLLPDSVDLLGDVEKWVDTGLDMLRLSPALRK
;
_entity_poly.pdbx_strand_id   A,B
#
# COMPACT_ATOMS: atom_id res chain seq x y z
N THR A 5 -31.78 4.61 -20.36
CA THR A 5 -32.03 6.11 -20.39
C THR A 5 -32.87 6.58 -19.19
N LYS A 6 -33.94 5.86 -18.86
CA LYS A 6 -34.90 6.32 -17.83
C LYS A 6 -34.18 6.93 -16.64
N GLU A 7 -34.44 8.22 -16.41
CA GLU A 7 -33.81 8.98 -15.33
C GLU A 7 -34.06 8.32 -13.97
N GLU A 8 -35.19 7.62 -13.86
CA GLU A 8 -35.54 6.88 -12.64
C GLU A 8 -34.48 5.81 -12.27
N ALA A 9 -33.91 5.17 -13.29
CA ALA A 9 -32.87 4.16 -13.07
C ALA A 9 -31.52 4.80 -12.77
N GLN A 10 -31.15 5.77 -13.59
CA GLN A 10 -29.90 6.49 -13.42
C GLN A 10 -29.78 7.07 -12.01
N GLU A 11 -30.92 7.48 -11.43
CA GLU A 11 -30.93 7.99 -10.07
C GLU A 11 -30.78 6.87 -9.04
N THR A 12 -31.37 5.70 -9.31
CA THR A 12 -31.30 4.58 -8.39
C THR A 12 -29.89 4.02 -8.33
N ARG A 13 -29.21 3.98 -9.47
CA ARG A 13 -27.80 3.55 -9.54
C ARG A 13 -26.92 4.46 -8.69
N ALA A 14 -27.02 5.76 -8.92
CA ALA A 14 -26.26 6.75 -8.18
C ALA A 14 -26.47 6.64 -6.67
N GLN A 15 -27.62 6.08 -6.28
CA GLN A 15 -27.97 5.89 -4.88
C GLN A 15 -27.38 4.59 -4.33
N ILE A 16 -27.39 3.52 -5.14
CA ILE A 16 -26.77 2.26 -4.76
C ILE A 16 -25.28 2.49 -4.49
N ILE A 17 -24.63 3.20 -5.40
CA ILE A 17 -23.21 3.47 -5.29
C ILE A 17 -22.87 4.31 -4.06
N GLU A 18 -23.66 5.34 -3.79
CA GLU A 18 -23.45 6.21 -2.63
C GLU A 18 -23.54 5.41 -1.33
N ALA A 19 -24.50 4.48 -1.27
CA ALA A 19 -24.73 3.64 -0.10
C ALA A 19 -23.71 2.52 0.07
N ALA A 20 -23.19 2.03 -1.05
CA ALA A 20 -22.12 1.04 -1.04
C ALA A 20 -20.89 1.63 -0.36
N GLU A 21 -20.60 2.88 -0.71
CA GLU A 21 -19.48 3.61 -0.14
C GLU A 21 -19.63 3.72 1.37
N ARG A 22 -20.81 4.19 1.80
CA ARG A 22 -21.10 4.35 3.23
C ARG A 22 -21.09 3.01 3.95
N ALA A 23 -21.55 1.96 3.26
CA ALA A 23 -21.55 0.61 3.81
C ALA A 23 -20.14 0.07 3.91
N PHE A 24 -19.50 -0.23 2.77
CA PHE A 24 -18.14 -0.76 2.75
C PHE A 24 -17.23 -0.05 3.71
N TYR A 25 -17.40 1.27 3.84
CA TYR A 25 -16.57 2.06 4.76
C TYR A 25 -16.79 1.65 6.22
N LYS A 26 -18.04 1.45 6.63
CA LYS A 26 -18.32 1.16 8.03
C LYS A 26 -18.14 -0.31 8.38
N ARG A 27 -18.56 -1.20 7.49
CA ARG A 27 -18.55 -2.63 7.73
C ARG A 27 -17.46 -3.38 6.95
N GLY A 28 -17.02 -2.81 5.84
CA GLY A 28 -16.01 -3.46 5.01
C GLY A 28 -16.59 -4.28 3.88
N VAL A 29 -15.78 -4.52 2.86
CA VAL A 29 -16.24 -5.23 1.68
C VAL A 29 -16.51 -6.69 1.96
N ALA A 30 -15.70 -7.32 2.81
CA ALA A 30 -15.83 -8.77 3.08
C ALA A 30 -17.17 -9.22 3.69
N ARG A 31 -17.56 -8.60 4.81
CA ARG A 31 -18.77 -8.97 5.56
C ARG A 31 -19.94 -8.04 5.26
N THR A 32 -20.18 -7.79 3.98
CA THR A 32 -21.25 -6.90 3.59
C THR A 32 -21.94 -7.52 2.40
N THR A 33 -23.19 -7.93 2.61
CA THR A 33 -23.99 -8.50 1.55
C THR A 33 -24.72 -7.38 0.79
N LEU A 34 -25.03 -7.62 -0.49
CA LEU A 34 -25.78 -6.67 -1.32
C LEU A 34 -27.15 -6.29 -0.72
N ALA A 35 -27.74 -7.23 0.01
CA ALA A 35 -29.00 -7.02 0.71
C ALA A 35 -28.89 -5.88 1.72
N ASP A 36 -27.67 -5.72 2.28
CA ASP A 36 -27.40 -4.69 3.29
C ASP A 36 -27.47 -3.29 2.68
N ILE A 37 -27.04 -3.19 1.40
CA ILE A 37 -27.10 -1.93 0.67
C ILE A 37 -28.54 -1.59 0.27
N ALA A 38 -29.33 -2.63 -0.05
CA ALA A 38 -30.74 -2.44 -0.36
C ALA A 38 -31.44 -1.70 0.76
N GLU A 39 -31.29 -2.19 1.99
CA GLU A 39 -31.90 -1.56 3.15
C GLU A 39 -31.32 -0.16 3.39
N LEU A 40 -30.02 -0.03 3.16
CA LEU A 40 -29.31 1.24 3.36
C LEU A 40 -29.71 2.30 2.32
N ALA A 41 -29.93 1.87 1.08
CA ALA A 41 -30.26 2.80 0.00
C ALA A 41 -31.77 3.01 -0.14
N GLY A 42 -32.55 2.17 0.55
CA GLY A 42 -34.01 2.24 0.51
C GLY A 42 -34.59 1.82 -0.83
N VAL A 43 -34.01 0.75 -1.40
CA VAL A 43 -34.38 0.29 -2.73
C VAL A 43 -34.60 -1.23 -2.72
N THR A 44 -35.44 -1.73 -3.63
CA THR A 44 -35.67 -3.17 -3.77
C THR A 44 -34.39 -3.95 -4.11
N ARG A 45 -34.26 -5.15 -3.54
CA ARG A 45 -33.08 -6.01 -3.72
C ARG A 45 -32.82 -6.34 -5.19
N GLY A 46 -33.86 -6.79 -5.89
CA GLY A 46 -33.76 -7.12 -7.31
C GLY A 46 -33.27 -5.95 -8.15
N ALA A 47 -33.56 -4.75 -7.69
CA ALA A 47 -33.06 -3.54 -8.34
C ALA A 47 -31.53 -3.51 -8.34
N ILE A 48 -30.92 -3.78 -7.17
CA ILE A 48 -29.44 -3.86 -7.09
C ILE A 48 -28.92 -4.94 -8.04
N TYR A 49 -29.66 -6.05 -8.13
CA TYR A 49 -29.30 -7.15 -9.01
C TYR A 49 -29.41 -6.77 -10.48
N TRP A 50 -30.38 -5.90 -10.78
CA TRP A 50 -30.53 -5.36 -12.13
C TRP A 50 -29.33 -4.48 -12.44
N HIS A 51 -28.98 -3.62 -11.48
CA HIS A 51 -27.83 -2.72 -11.60
C HIS A 51 -26.48 -3.45 -11.48
N PHE A 52 -26.34 -4.30 -10.46
CA PHE A 52 -25.07 -5.01 -10.24
C PHE A 52 -25.32 -6.48 -9.95
N ASN A 53 -24.63 -7.35 -10.70
CA ASN A 53 -24.73 -8.79 -10.48
C ASN A 53 -24.21 -9.14 -9.08
N ASN A 54 -22.88 -9.18 -8.95
CA ASN A 54 -22.25 -9.52 -7.67
C ASN A 54 -21.59 -8.31 -7.01
N LYS A 55 -21.27 -8.44 -5.73
CA LYS A 55 -20.55 -7.41 -4.98
C LYS A 55 -19.29 -6.89 -5.69
N ALA A 56 -18.54 -7.79 -6.32
CA ALA A 56 -17.35 -7.37 -7.05
C ALA A 56 -17.66 -6.35 -8.15
N GLU A 57 -18.85 -6.46 -8.75
CA GLU A 57 -19.26 -5.54 -9.81
C GLU A 57 -19.33 -4.10 -9.27
N LEU A 58 -19.86 -4.00 -8.05
CA LEU A 58 -20.02 -2.74 -7.37
C LEU A 58 -18.67 -2.14 -6.99
N VAL A 59 -17.86 -2.90 -6.25
CA VAL A 59 -16.48 -2.49 -5.95
C VAL A 59 -15.83 -1.90 -7.19
N GLN A 60 -15.98 -2.58 -8.33
CA GLN A 60 -15.43 -2.11 -9.58
C GLN A 60 -15.93 -0.71 -9.90
N ALA A 61 -17.24 -0.47 -9.73
CA ALA A 61 -17.82 0.86 -9.94
C ALA A 61 -17.19 1.92 -9.03
N LEU A 62 -16.89 1.55 -7.78
CA LEU A 62 -16.25 2.50 -6.87
C LEU A 62 -14.84 2.85 -7.32
N LEU A 63 -14.07 1.83 -7.67
CA LEU A 63 -12.74 2.03 -8.21
C LEU A 63 -12.77 2.99 -9.41
N ASP A 64 -13.79 2.81 -10.27
CA ASP A 64 -13.94 3.59 -11.49
C ASP A 64 -14.16 5.09 -11.29
N SER A 65 -15.06 5.45 -10.37
CA SER A 65 -15.36 6.85 -10.06
C SER A 65 -14.12 7.68 -9.80
N LEU A 66 -13.02 7.03 -9.43
CA LEU A 66 -11.77 7.70 -9.11
C LEU A 66 -11.06 8.30 -10.31
N HIS A 67 -11.21 7.65 -11.48
CA HIS A 67 -10.47 8.02 -12.68
C HIS A 67 -11.13 9.15 -13.47
N GLU A 68 -12.39 9.42 -13.16
CA GLU A 68 -13.13 10.46 -13.85
C GLU A 68 -12.49 11.85 -13.70
N THR A 69 -12.17 12.22 -12.46
CA THR A 69 -11.70 13.57 -12.14
C THR A 69 -10.37 13.89 -12.80
N HIS A 70 -9.66 12.85 -13.25
CA HIS A 70 -8.32 13.01 -13.81
C HIS A 70 -8.20 12.67 -15.30
N ASP A 71 -9.23 12.04 -15.86
CA ASP A 71 -9.19 11.58 -17.26
C ASP A 71 -8.49 12.56 -18.20
N HIS A 72 -8.88 13.83 -18.09
CA HIS A 72 -8.37 14.90 -18.94
C HIS A 72 -6.84 14.98 -18.97
N LEU A 73 -6.25 15.27 -17.80
CA LEU A 73 -4.81 15.40 -17.68
C LEU A 73 -4.09 14.12 -18.05
N ALA A 74 -4.62 12.98 -17.57
CA ALA A 74 -4.06 11.67 -17.87
C ALA A 74 -3.91 11.45 -19.37
N ARG A 75 -4.98 11.70 -20.12
CA ARG A 75 -4.98 11.58 -21.58
C ARG A 75 -3.95 12.50 -22.23
N ALA A 76 -3.98 13.76 -21.81
CA ALA A 76 -3.04 14.77 -22.28
C ALA A 76 -1.59 14.32 -22.06
N SER A 77 -1.31 13.79 -20.86
CA SER A 77 0.02 13.35 -20.48
C SER A 77 0.51 12.13 -21.27
N GLU A 78 -0.41 11.45 -21.93
CA GLU A 78 -0.05 10.26 -22.67
C GLU A 78 0.07 10.58 -24.14
N SER A 79 -0.74 11.51 -24.62
CA SER A 79 -0.73 11.93 -26.03
C SER A 79 0.68 12.22 -26.53
N GLU A 80 1.01 11.63 -27.68
CA GLU A 80 2.33 11.78 -28.30
C GLU A 80 2.57 13.22 -28.76
N ASP A 81 1.45 13.91 -29.05
CA ASP A 81 1.47 15.29 -29.54
C ASP A 81 1.49 16.33 -28.42
N GLU A 82 1.44 15.86 -27.17
CA GLU A 82 1.52 16.72 -26.00
C GLU A 82 2.92 17.32 -25.89
N VAL A 83 2.97 18.64 -25.80
CA VAL A 83 4.24 19.37 -25.74
C VAL A 83 4.95 19.22 -24.40
N ASP A 84 4.19 19.24 -23.30
CA ASP A 84 4.76 19.21 -21.95
C ASP A 84 4.21 18.04 -21.08
N PRO A 85 4.55 16.79 -21.46
CA PRO A 85 3.97 15.62 -20.79
C PRO A 85 4.34 15.50 -19.30
N LEU A 86 5.54 15.94 -18.94
CA LEU A 86 5.96 15.93 -17.54
C LEU A 86 5.18 16.95 -16.73
N GLY A 87 4.87 18.08 -17.35
CA GLY A 87 4.05 19.11 -16.70
C GLY A 87 2.66 18.57 -16.42
N CYS A 88 2.09 17.87 -17.41
CA CYS A 88 0.81 17.20 -17.26
C CYS A 88 0.82 16.21 -16.10
N MET A 89 1.83 15.34 -16.10
CA MET A 89 1.97 14.32 -15.08
C MET A 89 2.11 14.96 -13.70
N ARG A 90 2.81 16.08 -13.63
CA ARG A 90 2.96 16.80 -12.38
C ARG A 90 1.62 17.34 -11.90
N LYS A 91 0.91 18.04 -12.79
CA LYS A 91 -0.38 18.64 -12.45
C LYS A 91 -1.40 17.58 -12.05
N LEU A 92 -1.37 16.44 -12.75
CA LEU A 92 -2.23 15.30 -12.42
C LEU A 92 -2.03 14.82 -10.99
N LEU A 93 -0.78 14.63 -10.57
CA LEU A 93 -0.52 14.08 -9.23
C LEU A 93 -0.94 15.07 -8.16
N LEU A 94 -0.81 16.35 -8.48
CA LEU A 94 -1.24 17.45 -7.64
C LEU A 94 -2.77 17.41 -7.51
N GLN A 95 -3.44 17.15 -8.63
CA GLN A 95 -4.88 17.02 -8.66
C GLN A 95 -5.35 15.72 -8.01
N VAL A 96 -4.45 14.74 -7.85
CA VAL A 96 -4.76 13.49 -7.14
C VAL A 96 -4.71 13.70 -5.63
N PHE A 97 -3.63 14.32 -5.17
CA PHE A 97 -3.48 14.60 -3.75
C PHE A 97 -4.51 15.60 -3.20
N ASN A 98 -4.77 16.69 -3.94
CA ASN A 98 -5.81 17.65 -3.54
C ASN A 98 -7.19 17.02 -3.28
N GLU A 99 -7.71 16.32 -4.30
CA GLU A 99 -8.96 15.56 -4.22
C GLU A 99 -8.97 14.56 -3.06
N LEU A 100 -7.81 13.99 -2.75
CA LEU A 100 -7.68 13.07 -1.62
C LEU A 100 -7.91 13.82 -0.31
N VAL A 101 -7.23 14.94 -0.14
CA VAL A 101 -7.29 15.72 1.08
C VAL A 101 -8.62 16.46 1.24
N LEU A 102 -9.19 16.91 0.11
CA LEU A 102 -10.37 17.77 0.15
C LEU A 102 -11.70 17.04 0.00
N ASP A 103 -11.77 16.11 -0.96
CA ASP A 103 -13.01 15.41 -1.30
C ASP A 103 -13.19 14.17 -0.44
N ALA A 104 -14.11 14.25 0.52
CA ALA A 104 -14.37 13.14 1.44
C ALA A 104 -14.75 11.84 0.72
N ARG A 105 -15.46 11.98 -0.40
CA ARG A 105 -15.88 10.84 -1.23
C ARG A 105 -14.65 10.09 -1.70
N THR A 106 -13.64 10.83 -2.15
CA THR A 106 -12.42 10.23 -2.69
C THR A 106 -11.59 9.55 -1.60
N ARG A 107 -11.50 10.22 -0.45
CA ARG A 107 -10.84 9.68 0.71
C ARG A 107 -11.50 8.37 1.08
N ARG A 108 -12.84 8.34 1.14
CA ARG A 108 -13.57 7.16 1.59
C ARG A 108 -13.39 5.93 0.66
N ILE A 109 -13.40 6.19 -0.65
CA ILE A 109 -13.25 5.11 -1.60
C ILE A 109 -11.83 4.55 -1.51
N ASN A 110 -10.84 5.44 -1.40
CA ASN A 110 -9.48 5.00 -1.21
C ASN A 110 -9.27 4.26 0.10
N GLU A 111 -9.92 4.72 1.17
CA GLU A 111 -9.84 4.01 2.44
C GLU A 111 -10.40 2.60 2.26
N ILE A 112 -11.54 2.50 1.57
CA ILE A 112 -12.14 1.21 1.25
C ILE A 112 -11.19 0.36 0.43
N LEU A 113 -10.65 0.96 -0.62
CA LEU A 113 -9.75 0.24 -1.52
C LEU A 113 -8.50 -0.27 -0.83
N HIS A 114 -8.00 0.49 0.14
CA HIS A 114 -6.72 0.20 0.76
C HIS A 114 -6.84 -0.51 2.12
N HIS A 115 -7.90 -0.23 2.88
CA HIS A 115 -7.98 -0.75 4.24
C HIS A 115 -9.23 -1.55 4.55
N LYS A 116 -10.16 -1.66 3.60
CA LYS A 116 -11.42 -2.34 3.93
C LYS A 116 -11.86 -3.35 2.89
N CYS A 117 -10.92 -3.88 2.15
CA CYS A 117 -11.26 -4.77 1.05
C CYS A 117 -10.27 -5.92 0.92
N GLU A 118 -10.67 -7.09 1.38
CA GLU A 118 -9.78 -8.26 1.38
C GLU A 118 -9.78 -9.01 0.06
N PHE A 119 -8.65 -9.64 -0.26
CA PHE A 119 -8.55 -10.54 -1.38
C PHE A 119 -8.69 -11.95 -0.86
N THR A 120 -9.79 -12.62 -1.20
CA THR A 120 -9.96 -14.03 -0.82
C THR A 120 -10.42 -14.84 -2.02
N ASP A 121 -10.06 -16.12 -2.04
CA ASP A 121 -10.50 -17.05 -3.09
C ASP A 121 -12.01 -17.08 -3.31
N ASP A 122 -12.77 -16.71 -2.29
CA ASP A 122 -14.24 -16.55 -2.40
C ASP A 122 -14.59 -15.50 -3.46
N MET A 123 -13.89 -14.35 -3.40
CA MET A 123 -14.12 -13.24 -4.29
C MET A 123 -12.83 -12.86 -4.99
N CYS A 124 -12.39 -13.75 -5.89
CA CYS A 124 -11.15 -13.55 -6.62
C CYS A 124 -11.27 -12.46 -7.70
N GLU A 125 -12.51 -12.13 -8.08
CA GLU A 125 -12.75 -11.08 -9.05
C GLU A 125 -12.29 -9.72 -8.54
N ILE A 126 -12.14 -9.57 -7.22
CA ILE A 126 -11.69 -8.32 -6.64
C ILE A 126 -10.21 -8.15 -6.85
N ARG A 127 -9.46 -9.24 -6.70
CA ARG A 127 -8.02 -9.23 -6.91
C ARG A 127 -7.68 -9.09 -8.39
N GLN A 128 -8.38 -9.85 -9.24
CA GLN A 128 -8.21 -9.79 -10.69
C GLN A 128 -8.42 -8.39 -11.21
N GLN A 129 -9.50 -7.74 -10.77
CA GLN A 129 -9.80 -6.37 -11.18
C GLN A 129 -8.72 -5.43 -10.68
N ARG A 130 -8.30 -5.66 -9.45
CA ARG A 130 -7.27 -4.83 -8.88
C ARG A 130 -5.95 -4.94 -9.65
N GLN A 131 -5.65 -6.14 -10.12
CA GLN A 131 -4.48 -6.38 -10.97
C GLN A 131 -4.66 -5.68 -12.31
N SER A 132 -5.85 -5.83 -12.88
CA SER A 132 -6.18 -5.25 -14.17
C SER A 132 -5.99 -3.73 -14.14
N ALA A 133 -6.56 -3.10 -13.12
CA ALA A 133 -6.50 -1.67 -12.92
C ALA A 133 -5.06 -1.12 -12.79
N VAL A 134 -4.20 -1.81 -12.04
CA VAL A 134 -2.83 -1.38 -11.82
C VAL A 134 -2.00 -1.61 -13.08
N LEU A 135 -2.34 -2.63 -13.86
CA LEU A 135 -1.68 -2.81 -15.14
C LEU A 135 -2.09 -1.69 -16.08
N ASP A 136 -3.37 -1.32 -16.02
CA ASP A 136 -3.89 -0.16 -16.77
C ASP A 136 -3.08 1.07 -16.39
N CYS A 137 -3.16 1.44 -15.12
CA CYS A 137 -2.42 2.56 -14.62
C CYS A 137 -0.98 2.44 -15.09
N HIS A 138 -0.40 1.26 -14.93
CA HIS A 138 0.99 1.03 -15.30
C HIS A 138 1.25 1.45 -16.72
N LYS A 139 0.52 0.85 -17.68
CA LYS A 139 0.76 1.14 -19.09
C LYS A 139 0.71 2.65 -19.31
N GLY A 140 -0.18 3.32 -18.57
CA GLY A 140 -0.33 4.76 -18.65
C GLY A 140 0.92 5.55 -18.37
N ILE A 141 1.45 5.36 -17.16
CA ILE A 141 2.63 6.07 -16.69
C ILE A 141 3.84 5.80 -17.58
N THR A 142 3.89 4.62 -18.19
CA THR A 142 4.99 4.32 -19.10
C THR A 142 4.96 5.24 -20.34
N LEU A 143 3.85 5.28 -21.06
CA LEU A 143 3.74 6.15 -22.24
C LEU A 143 4.17 7.56 -21.90
N ALA A 144 3.52 8.11 -20.87
CA ALA A 144 3.78 9.45 -20.39
C ALA A 144 5.26 9.68 -20.14
N LEU A 145 5.88 8.79 -19.38
CA LEU A 145 7.31 8.92 -19.08
C LEU A 145 8.13 8.91 -20.37
N ALA A 146 7.91 7.91 -21.21
CA ALA A 146 8.58 7.81 -22.50
C ALA A 146 8.46 9.11 -23.32
N ASN A 147 7.27 9.72 -23.31
CA ASN A 147 7.05 10.98 -24.00
C ASN A 147 7.81 12.14 -23.39
N ALA A 148 8.02 12.07 -22.07
CA ALA A 148 8.81 13.09 -21.39
C ALA A 148 10.31 12.89 -21.67
N VAL A 149 10.72 11.65 -21.84
CA VAL A 149 12.09 11.31 -22.21
C VAL A 149 12.35 11.80 -23.65
N ARG A 150 11.42 11.43 -24.53
CA ARG A 150 11.49 11.76 -25.95
C ARG A 150 11.58 13.26 -26.16
N ARG A 151 11.18 14.03 -25.15
CA ARG A 151 11.17 15.48 -25.22
C ARG A 151 12.18 16.08 -24.26
N GLY A 152 13.17 15.27 -23.89
CA GLY A 152 14.28 15.72 -23.04
C GLY A 152 13.86 16.34 -21.72
N GLN A 153 12.64 15.98 -21.29
CA GLN A 153 12.14 16.35 -19.97
C GLN A 153 12.81 15.46 -18.90
N LEU A 154 13.04 14.19 -19.24
CA LEU A 154 13.73 13.23 -18.36
C LEU A 154 15.08 12.79 -18.96
N PRO A 155 15.92 12.05 -18.20
CA PRO A 155 17.14 11.44 -18.77
C PRO A 155 16.81 10.52 -19.93
N GLY A 156 17.52 10.71 -21.05
CA GLY A 156 17.27 9.96 -22.28
C GLY A 156 17.33 8.47 -22.08
N GLU A 157 18.28 8.03 -21.26
CA GLU A 157 18.50 6.62 -21.04
C GLU A 157 17.59 5.99 -19.99
N LEU A 158 16.60 6.74 -19.51
CA LEU A 158 15.69 6.24 -18.46
C LEU A 158 14.98 4.97 -18.89
N ASP A 159 14.73 4.06 -17.93
CA ASP A 159 13.95 2.85 -18.18
C ASP A 159 12.51 3.11 -17.77
N ALA A 160 11.67 3.47 -18.74
CA ALA A 160 10.29 3.87 -18.50
C ALA A 160 9.55 2.89 -17.59
N GLU A 161 9.68 1.61 -17.92
CA GLU A 161 9.08 0.52 -17.18
C GLU A 161 9.34 0.66 -15.69
N ARG A 162 10.57 0.33 -15.28
CA ARG A 162 10.93 0.35 -13.87
C ARG A 162 10.59 1.69 -13.27
N ALA A 163 10.85 2.77 -14.00
CA ALA A 163 10.58 4.12 -13.52
C ALA A 163 9.11 4.26 -13.16
N ALA A 164 8.24 3.68 -13.99
CA ALA A 164 6.81 3.71 -13.74
C ALA A 164 6.43 2.94 -12.49
N VAL A 165 7.08 1.79 -12.30
CA VAL A 165 6.80 0.95 -11.16
C VAL A 165 7.25 1.71 -9.93
N ALA A 166 8.46 2.25 -9.95
CA ALA A 166 8.95 3.05 -8.83
C ALA A 166 7.99 4.18 -8.44
N MET A 167 7.60 4.99 -9.41
CA MET A 167 6.77 6.13 -9.11
C MET A 167 5.44 5.69 -8.54
N PHE A 168 4.80 4.73 -9.20
CA PHE A 168 3.53 4.23 -8.72
C PHE A 168 3.70 3.74 -7.30
N ALA A 169 4.74 2.96 -7.06
CA ALA A 169 4.99 2.44 -5.73
C ALA A 169 5.03 3.59 -4.74
N TYR A 170 5.83 4.60 -5.06
CA TYR A 170 5.94 5.81 -4.25
C TYR A 170 4.60 6.53 -3.99
N VAL A 171 3.80 6.70 -5.06
CA VAL A 171 2.53 7.38 -4.94
C VAL A 171 1.55 6.55 -4.12
N ASP A 172 1.49 5.25 -4.41
CA ASP A 172 0.55 4.35 -3.73
C ASP A 172 0.85 4.26 -2.23
N GLY A 173 2.12 4.12 -1.88
CA GLY A 173 2.51 4.01 -0.49
C GLY A 173 2.28 5.29 0.28
N LEU A 174 2.42 6.42 -0.38
CA LEU A 174 2.23 7.70 0.29
C LEU A 174 0.77 7.91 0.63
N ILE A 175 -0.10 7.67 -0.35
CA ILE A 175 -1.53 7.74 -0.13
C ILE A 175 -1.91 6.91 1.12
N ARG A 176 -1.49 5.65 1.11
CA ARG A 176 -1.76 4.72 2.20
C ARG A 176 -1.21 5.22 3.54
N ARG A 177 0.01 5.76 3.52
CA ARG A 177 0.62 6.31 4.72
C ARG A 177 -0.30 7.39 5.28
N TRP A 178 -0.74 8.29 4.41
CA TRP A 178 -1.62 9.36 4.82
C TRP A 178 -2.98 8.88 5.30
N LEU A 179 -3.54 7.85 4.68
CA LEU A 179 -4.80 7.31 5.16
C LEU A 179 -4.65 6.70 6.54
N LEU A 180 -3.51 6.04 6.77
CA LEU A 180 -3.27 5.39 8.05
C LEU A 180 -2.93 6.42 9.10
N LEU A 181 -2.06 7.37 8.75
CA LEU A 181 -1.62 8.40 9.69
C LEU A 181 -1.69 9.76 9.03
N PRO A 182 -2.89 10.33 8.90
CA PRO A 182 -3.04 11.62 8.23
C PRO A 182 -2.28 12.75 8.93
N ASP A 183 -2.30 12.76 10.27
CA ASP A 183 -1.65 13.82 11.04
C ASP A 183 -0.14 13.70 11.02
N SER A 184 0.38 12.89 10.10
CA SER A 184 1.82 12.79 9.91
C SER A 184 2.25 13.55 8.66
N VAL A 185 1.68 13.17 7.50
CA VAL A 185 1.98 13.81 6.23
C VAL A 185 1.10 15.05 6.01
N ASP A 186 1.73 16.24 5.99
CA ASP A 186 1.02 17.47 5.64
C ASP A 186 0.85 17.50 4.13
N LEU A 187 -0.01 16.60 3.65
CA LEU A 187 -0.17 16.42 2.22
C LEU A 187 -0.80 17.65 1.57
N LEU A 188 -1.66 18.36 2.31
CA LEU A 188 -2.24 19.60 1.81
C LEU A 188 -1.22 20.75 1.64
N GLY A 189 -0.52 21.10 2.72
CA GLY A 189 0.45 22.21 2.70
C GLY A 189 1.69 21.94 1.84
N ASP A 190 2.34 20.80 2.08
CA ASP A 190 3.61 20.47 1.40
C ASP A 190 3.41 19.82 0.03
N VAL A 191 2.15 19.75 -0.42
CA VAL A 191 1.76 18.97 -1.59
C VAL A 191 2.78 18.97 -2.74
N GLU A 192 3.26 20.15 -3.13
CA GLU A 192 4.21 20.26 -4.23
C GLU A 192 5.50 19.49 -3.93
N LYS A 193 5.98 19.59 -2.70
CA LYS A 193 7.17 18.85 -2.29
C LYS A 193 7.01 17.34 -2.56
N TRP A 194 5.91 16.78 -2.08
CA TRP A 194 5.65 15.35 -2.22
C TRP A 194 5.57 14.92 -3.67
N VAL A 195 4.97 15.74 -4.50
CA VAL A 195 4.87 15.42 -5.90
C VAL A 195 6.25 15.48 -6.53
N ASP A 196 7.06 16.46 -6.11
CA ASP A 196 8.37 16.69 -6.68
C ASP A 196 9.33 15.57 -6.31
N THR A 197 9.33 15.22 -5.03
CA THR A 197 10.19 14.18 -4.50
C THR A 197 10.08 12.94 -5.37
N GLY A 198 8.85 12.55 -5.69
CA GLY A 198 8.63 11.40 -6.55
C GLY A 198 9.26 11.63 -7.90
N LEU A 199 8.94 12.77 -8.51
CA LEU A 199 9.49 13.12 -9.83
C LEU A 199 11.01 13.17 -9.84
N ASP A 200 11.60 13.82 -8.84
CA ASP A 200 13.05 13.91 -8.71
C ASP A 200 13.71 12.54 -8.90
N MET A 201 13.19 11.55 -8.19
CA MET A 201 13.64 10.17 -8.32
C MET A 201 13.64 9.71 -9.79
N LEU A 202 12.60 10.07 -10.53
CA LEU A 202 12.47 9.61 -11.91
C LEU A 202 13.57 10.17 -12.80
N ARG A 203 13.90 11.45 -12.60
CA ARG A 203 14.90 12.09 -13.43
C ARG A 203 16.34 12.03 -12.89
N LEU A 204 16.50 11.84 -11.58
CA LEU A 204 17.84 11.91 -11.00
C LEU A 204 18.47 10.56 -10.67
N SER A 205 17.65 9.56 -10.37
CA SER A 205 18.15 8.23 -10.02
C SER A 205 18.85 7.53 -11.18
N PRO A 206 20.16 7.26 -11.01
CA PRO A 206 20.92 6.53 -12.03
C PRO A 206 20.54 5.06 -12.08
N ALA A 207 20.05 4.52 -10.96
CA ALA A 207 19.54 3.14 -10.90
C ALA A 207 18.32 2.90 -11.80
N LEU A 208 17.61 3.98 -12.14
CA LEU A 208 16.44 3.91 -13.02
C LEU A 208 16.78 4.03 -14.51
N ARG A 209 18.04 4.29 -14.82
CA ARG A 209 18.48 4.46 -16.20
C ARG A 209 18.89 3.15 -16.88
N LYS A 210 19.11 3.23 -18.20
CA LYS A 210 19.46 2.09 -19.05
C LYS A 210 18.19 1.46 -19.66
N LYS B 6 8.64 -27.58 28.75
CA LYS B 6 7.53 -28.43 28.30
C LYS B 6 6.26 -27.61 28.14
N GLU B 7 5.58 -27.34 29.26
CA GLU B 7 4.54 -28.22 29.75
C GLU B 7 3.49 -27.21 29.28
N GLU B 8 2.28 -27.35 29.77
CA GLU B 8 1.16 -27.81 28.95
C GLU B 8 1.80 -27.91 27.57
N ALA B 9 2.01 -26.76 26.94
CA ALA B 9 2.91 -26.67 25.79
C ALA B 9 3.19 -25.22 25.42
N GLN B 10 4.41 -24.76 25.71
CA GLN B 10 4.93 -23.50 25.12
C GLN B 10 4.85 -23.50 23.58
N GLU B 11 5.11 -24.68 22.96
CA GLU B 11 5.12 -24.74 21.51
C GLU B 11 3.72 -24.82 20.86
N THR B 12 2.71 -25.12 21.69
CA THR B 12 1.33 -24.91 21.26
C THR B 12 1.16 -23.49 20.79
N ARG B 13 1.88 -22.55 21.36
CA ARG B 13 1.69 -21.19 20.96
C ARG B 13 2.21 -21.02 19.56
N ALA B 14 3.22 -21.80 19.19
CA ALA B 14 3.72 -21.63 17.83
C ALA B 14 2.80 -22.34 16.87
N GLN B 15 2.15 -23.43 17.34
CA GLN B 15 1.23 -24.18 16.52
C GLN B 15 -0.04 -23.39 16.17
N ILE B 16 -0.52 -22.61 17.12
CA ILE B 16 -1.70 -21.76 16.94
C ILE B 16 -1.42 -20.65 15.92
N ILE B 17 -0.24 -20.06 16.01
CA ILE B 17 0.17 -19.01 15.07
C ILE B 17 0.21 -19.54 13.63
N GLU B 18 0.76 -20.72 13.43
CA GLU B 18 0.84 -21.33 12.11
C GLU B 18 -0.55 -21.51 11.54
N ALA B 19 -1.50 -21.93 12.37
CA ALA B 19 -2.85 -22.16 11.89
C ALA B 19 -3.53 -20.82 11.62
N ALA B 20 -3.21 -19.81 12.43
CA ALA B 20 -3.76 -18.49 12.25
C ALA B 20 -3.34 -17.92 10.91
N GLU B 21 -2.14 -18.28 10.47
CA GLU B 21 -1.65 -17.87 9.16
C GLU B 21 -2.44 -18.48 8.04
N ARG B 22 -2.71 -19.78 8.15
CA ARG B 22 -3.44 -20.48 7.11
C ARG B 22 -4.88 -20.00 7.01
N ALA B 23 -5.54 -19.87 8.16
CA ALA B 23 -6.89 -19.39 8.22
C ALA B 23 -6.99 -17.99 7.62
N PHE B 24 -6.19 -17.06 8.17
CA PHE B 24 -6.23 -15.69 7.68
C PHE B 24 -5.96 -15.64 6.17
N TYR B 25 -4.95 -16.38 5.69
CA TYR B 25 -4.63 -16.38 4.27
C TYR B 25 -5.78 -16.91 3.41
N LYS B 26 -6.52 -17.91 3.90
CA LYS B 26 -7.59 -18.50 3.13
C LYS B 26 -8.87 -17.69 3.17
N ARG B 27 -9.35 -17.38 4.38
CA ARG B 27 -10.64 -16.73 4.52
C ARG B 27 -10.53 -15.23 4.77
N GLY B 28 -9.33 -14.76 5.13
CA GLY B 28 -9.15 -13.37 5.51
C GLY B 28 -9.38 -13.17 7.00
N VAL B 29 -8.84 -12.09 7.55
CA VAL B 29 -8.94 -11.86 8.99
C VAL B 29 -10.38 -11.55 9.43
N ALA B 30 -11.06 -10.71 8.66
CA ALA B 30 -12.43 -10.27 8.98
C ALA B 30 -13.38 -11.39 9.31
N ARG B 31 -13.37 -12.46 8.52
CA ARG B 31 -14.32 -13.56 8.69
C ARG B 31 -13.74 -14.80 9.35
N THR B 32 -12.54 -14.69 9.91
CA THR B 32 -11.97 -15.80 10.64
C THR B 32 -12.33 -15.64 12.12
N THR B 33 -12.77 -16.74 12.74
CA THR B 33 -13.08 -16.76 14.14
C THR B 33 -12.06 -17.65 14.83
N LEU B 34 -11.96 -17.53 16.15
CA LEU B 34 -11.06 -18.35 16.93
C LEU B 34 -11.40 -19.83 16.78
N ALA B 35 -12.69 -20.11 16.68
CA ALA B 35 -13.13 -21.50 16.48
C ALA B 35 -12.44 -22.09 15.24
N ASP B 36 -12.40 -21.32 14.15
CA ASP B 36 -11.81 -21.75 12.88
C ASP B 36 -10.35 -22.14 13.09
N ILE B 37 -9.61 -21.20 13.68
CA ILE B 37 -8.21 -21.35 14.02
C ILE B 37 -7.98 -22.55 14.93
N ALA B 38 -8.82 -22.68 15.96
CA ALA B 38 -8.69 -23.75 16.95
C ALA B 38 -8.85 -25.11 16.30
N GLU B 39 -9.88 -25.26 15.46
CA GLU B 39 -10.14 -26.52 14.77
C GLU B 39 -8.98 -26.85 13.85
N LEU B 40 -8.41 -25.81 13.26
CA LEU B 40 -7.31 -25.94 12.33
C LEU B 40 -6.04 -26.36 13.04
N ALA B 41 -5.82 -25.83 14.24
CA ALA B 41 -4.63 -26.15 15.02
C ALA B 41 -4.68 -27.56 15.61
N GLY B 42 -5.87 -27.99 16.01
CA GLY B 42 -6.07 -29.26 16.70
C GLY B 42 -6.21 -29.08 18.20
N VAL B 43 -6.64 -27.89 18.62
CA VAL B 43 -6.75 -27.52 20.04
C VAL B 43 -8.17 -27.02 20.35
N THR B 44 -8.38 -26.47 21.55
CA THR B 44 -9.68 -25.87 21.90
C THR B 44 -9.55 -24.36 22.03
N ARG B 45 -10.66 -23.65 21.87
CA ARG B 45 -10.67 -22.21 22.06
C ARG B 45 -9.91 -21.82 23.33
N GLY B 46 -10.10 -22.60 24.40
CA GLY B 46 -9.45 -22.37 25.68
C GLY B 46 -7.93 -22.40 25.58
N ALA B 47 -7.43 -23.28 24.73
CA ALA B 47 -6.00 -23.36 24.46
C ALA B 47 -5.48 -22.13 23.70
N ILE B 48 -6.36 -21.46 22.95
CA ILE B 48 -5.99 -20.20 22.28
C ILE B 48 -6.08 -19.06 23.25
N TYR B 49 -7.14 -19.06 24.05
CA TYR B 49 -7.34 -18.01 25.05
C TYR B 49 -6.20 -17.95 26.05
N TRP B 50 -5.50 -19.06 26.23
CA TRP B 50 -4.38 -19.13 27.15
C TRP B 50 -3.18 -18.31 26.66
N HIS B 51 -3.06 -18.17 25.34
CA HIS B 51 -1.96 -17.41 24.75
C HIS B 51 -2.37 -16.02 24.25
N PHE B 52 -3.63 -15.88 23.85
CA PHE B 52 -4.13 -14.65 23.25
C PHE B 52 -5.51 -14.32 23.77
N ASN B 53 -5.73 -13.05 24.11
CA ASN B 53 -7.04 -12.64 24.63
C ASN B 53 -8.11 -12.44 23.55
N ASN B 54 -7.70 -12.40 22.28
CA ASN B 54 -8.62 -12.16 21.16
C ASN B 54 -7.90 -12.30 19.82
N LYS B 55 -8.62 -12.03 18.74
CA LYS B 55 -8.09 -12.14 17.38
C LYS B 55 -7.05 -11.07 17.07
N ALA B 56 -7.19 -9.90 17.67
CA ALA B 56 -6.23 -8.84 17.46
C ALA B 56 -4.85 -9.25 17.95
N GLU B 57 -4.78 -9.91 19.12
CA GLU B 57 -3.51 -10.41 19.66
C GLU B 57 -2.77 -11.35 18.70
N LEU B 58 -3.52 -12.23 18.05
CA LEU B 58 -2.96 -13.13 17.05
C LEU B 58 -2.40 -12.38 15.86
N VAL B 59 -3.22 -11.50 15.28
CA VAL B 59 -2.77 -10.71 14.16
C VAL B 59 -1.50 -10.02 14.58
N GLN B 60 -1.54 -9.41 15.76
CA GLN B 60 -0.38 -8.79 16.35
C GLN B 60 0.86 -9.68 16.29
N ALA B 61 0.72 -10.93 16.72
CA ALA B 61 1.82 -11.89 16.75
C ALA B 61 2.41 -12.09 15.36
N LEU B 62 1.56 -12.26 14.35
CA LEU B 62 2.04 -12.38 12.99
C LEU B 62 2.80 -11.13 12.57
N LEU B 63 2.20 -9.95 12.79
CA LEU B 63 2.88 -8.68 12.52
C LEU B 63 4.26 -8.66 13.19
N ASP B 64 4.28 -8.89 14.51
CA ASP B 64 5.51 -8.82 15.28
C ASP B 64 6.58 -9.79 14.80
N SER B 65 6.16 -10.92 14.23
CA SER B 65 7.13 -11.92 13.82
C SER B 65 8.03 -11.43 12.69
N LEU B 66 7.50 -10.60 11.81
CA LEU B 66 8.27 -10.02 10.71
C LEU B 66 9.56 -9.28 11.12
N HIS B 67 9.54 -8.60 12.27
CA HIS B 67 10.69 -7.77 12.68
C HIS B 67 11.95 -8.55 13.05
N GLU B 68 11.77 -9.76 13.58
CA GLU B 68 12.86 -10.59 14.10
C GLU B 68 14.08 -10.65 13.17
N THR B 69 13.89 -11.23 11.99
CA THR B 69 14.96 -11.52 11.03
C THR B 69 15.88 -10.33 10.75
N HIS B 70 15.33 -9.11 10.81
CA HIS B 70 16.09 -7.89 10.50
C HIS B 70 16.66 -7.19 11.74
N ASP B 71 16.28 -7.69 12.91
CA ASP B 71 16.67 -7.15 14.22
C ASP B 71 18.07 -6.50 14.27
N HIS B 72 19.09 -7.30 13.98
CA HIS B 72 20.47 -6.86 14.11
C HIS B 72 20.80 -5.76 13.12
N LEU B 73 20.45 -5.96 11.85
CA LEU B 73 20.70 -4.95 10.82
C LEU B 73 20.03 -3.60 11.12
N ALA B 74 18.82 -3.64 11.68
CA ALA B 74 18.10 -2.42 12.08
C ALA B 74 18.83 -1.68 13.19
N ARG B 75 18.98 -2.33 14.35
CA ARG B 75 19.70 -1.77 15.49
C ARG B 75 21.05 -1.19 15.09
N ALA B 76 21.70 -1.83 14.12
CA ALA B 76 22.97 -1.36 13.59
C ALA B 76 22.81 0.05 13.02
N SER B 77 21.91 0.19 12.03
CA SER B 77 21.69 1.47 11.37
C SER B 77 21.31 2.58 12.33
N GLU B 78 20.50 2.24 13.34
CA GLU B 78 20.01 3.21 14.32
C GLU B 78 21.10 3.69 15.29
N SER B 79 22.06 2.82 15.60
CA SER B 79 23.14 3.11 16.56
C SER B 79 24.05 4.27 16.13
N GLU B 80 24.46 5.08 17.11
CA GLU B 80 25.38 6.19 16.86
C GLU B 80 26.78 5.71 16.46
N ASP B 81 27.29 4.72 17.19
CA ASP B 81 28.67 4.22 16.99
C ASP B 81 28.87 3.35 15.74
N GLU B 82 27.88 3.33 14.85
CA GLU B 82 28.02 2.61 13.59
C GLU B 82 28.75 3.51 12.59
N VAL B 83 29.87 3.00 12.05
CA VAL B 83 30.66 3.78 11.08
C VAL B 83 29.98 3.91 9.72
N ASP B 84 29.11 2.96 9.38
CA ASP B 84 28.49 2.93 8.05
C ASP B 84 26.98 2.72 8.15
N PRO B 85 26.25 3.74 8.68
CA PRO B 85 24.80 3.64 8.85
C PRO B 85 23.98 3.42 7.57
N LEU B 86 24.34 4.11 6.49
CA LEU B 86 23.66 3.93 5.21
C LEU B 86 23.89 2.52 4.72
N GLY B 87 25.13 2.05 4.85
CA GLY B 87 25.51 0.70 4.46
C GLY B 87 24.69 -0.39 5.10
N CYS B 88 24.27 -0.15 6.35
CA CYS B 88 23.43 -1.10 7.08
C CYS B 88 21.98 -1.06 6.62
N MET B 89 21.51 0.12 6.26
CA MET B 89 20.16 0.30 5.74
C MET B 89 20.06 -0.38 4.38
N ARG B 90 21.03 -0.13 3.51
CA ARG B 90 21.10 -0.81 2.22
C ARG B 90 21.11 -2.32 2.39
N LYS B 91 21.73 -2.80 3.46
CA LYS B 91 21.85 -4.23 3.70
C LYS B 91 20.49 -4.76 4.12
N LEU B 92 19.84 -4.02 5.03
CA LEU B 92 18.57 -4.43 5.57
C LEU B 92 17.51 -4.52 4.49
N LEU B 93 17.50 -3.52 3.61
CA LEU B 93 16.51 -3.50 2.55
C LEU B 93 16.67 -4.73 1.66
N LEU B 94 17.93 -5.08 1.39
CA LEU B 94 18.26 -6.26 0.58
C LEU B 94 17.76 -7.54 1.26
N GLN B 95 17.86 -7.58 2.57
CA GLN B 95 17.30 -8.69 3.36
C GLN B 95 15.77 -8.68 3.29
N VAL B 96 15.17 -7.53 3.59
CA VAL B 96 13.71 -7.41 3.57
C VAL B 96 13.20 -7.95 2.25
N PHE B 97 13.77 -7.49 1.16
CA PHE B 97 13.30 -7.93 -0.15
C PHE B 97 13.59 -9.39 -0.44
N ASN B 98 14.76 -9.87 -0.01
CA ASN B 98 15.08 -11.30 -0.13
C ASN B 98 14.15 -12.21 0.66
N GLU B 99 13.96 -11.89 1.94
CA GLU B 99 13.12 -12.69 2.81
C GLU B 99 11.73 -12.72 2.16
N LEU B 100 11.33 -11.57 1.62
CA LEU B 100 10.01 -11.48 1.01
C LEU B 100 9.90 -12.43 -0.19
N VAL B 101 10.91 -12.44 -1.07
CA VAL B 101 10.89 -13.27 -2.30
C VAL B 101 11.12 -14.80 -2.10
N LEU B 102 11.88 -15.15 -1.06
CA LEU B 102 12.25 -16.54 -0.88
C LEU B 102 11.42 -17.26 0.16
N ASP B 103 11.09 -16.56 1.25
CA ASP B 103 10.37 -17.17 2.36
C ASP B 103 8.86 -17.08 2.21
N ALA B 104 8.24 -18.23 1.96
CA ALA B 104 6.79 -18.30 1.82
C ALA B 104 6.11 -17.76 3.07
N ARG B 105 6.70 -18.02 4.22
CA ARG B 105 6.23 -17.50 5.50
C ARG B 105 6.09 -15.96 5.51
N THR B 106 7.19 -15.27 5.25
CA THR B 106 7.18 -13.80 5.15
C THR B 106 6.21 -13.30 4.09
N ARG B 107 6.19 -13.95 2.94
CA ARG B 107 5.27 -13.59 1.86
C ARG B 107 3.82 -13.65 2.33
N ARG B 108 3.45 -14.75 2.96
CA ARG B 108 2.07 -14.98 3.36
C ARG B 108 1.62 -13.97 4.42
N ILE B 109 2.47 -13.71 5.42
CA ILE B 109 2.14 -12.74 6.45
C ILE B 109 1.98 -11.34 5.84
N ASN B 110 2.87 -11.01 4.91
CA ASN B 110 2.77 -9.74 4.18
C ASN B 110 1.51 -9.66 3.32
N GLU B 111 1.16 -10.78 2.70
CA GLU B 111 -0.06 -10.87 1.91
C GLU B 111 -1.28 -10.64 2.79
N ILE B 112 -1.26 -11.23 3.99
CA ILE B 112 -2.36 -11.12 4.95
C ILE B 112 -2.50 -9.68 5.38
N LEU B 113 -1.37 -9.06 5.62
CA LEU B 113 -1.31 -7.72 6.15
C LEU B 113 -1.79 -6.68 5.15
N HIS B 114 -1.34 -6.79 3.91
CA HIS B 114 -1.70 -5.82 2.89
C HIS B 114 -3.04 -6.11 2.22
N HIS B 115 -3.40 -7.38 2.07
CA HIS B 115 -4.55 -7.71 1.24
C HIS B 115 -5.62 -8.54 1.90
N LYS B 116 -5.48 -8.82 3.18
CA LYS B 116 -6.41 -9.76 3.78
C LYS B 116 -6.76 -9.37 5.19
N CYS B 117 -6.77 -8.07 5.45
CA CYS B 117 -6.93 -7.61 6.79
C CYS B 117 -7.55 -6.23 6.82
N GLU B 118 -8.87 -6.18 6.84
CA GLU B 118 -9.63 -4.91 6.88
C GLU B 118 -9.46 -4.13 8.18
N PHE B 119 -9.70 -2.82 8.10
CA PHE B 119 -9.77 -1.97 9.27
C PHE B 119 -11.24 -1.62 9.45
N THR B 120 -11.87 -2.18 10.48
CA THR B 120 -13.29 -1.95 10.75
C THR B 120 -13.51 -1.58 12.21
N ASP B 121 -14.54 -0.79 12.47
CA ASP B 121 -14.85 -0.32 13.83
C ASP B 121 -15.08 -1.44 14.89
N ASP B 122 -15.01 -2.69 14.46
CA ASP B 122 -15.19 -3.83 15.35
C ASP B 122 -13.88 -4.19 16.06
N MET B 123 -12.77 -4.05 15.35
CA MET B 123 -11.45 -4.19 15.95
C MET B 123 -10.54 -3.02 15.59
N CYS B 124 -10.88 -1.83 16.09
CA CYS B 124 -10.03 -0.65 15.92
C CYS B 124 -8.67 -1.04 16.41
N GLU B 125 -8.63 -2.10 17.20
CA GLU B 125 -7.35 -2.60 17.68
C GLU B 125 -6.40 -2.87 16.53
N ILE B 126 -6.92 -3.40 15.43
CA ILE B 126 -6.08 -3.71 14.26
C ILE B 126 -5.47 -2.46 13.64
N ARG B 127 -6.30 -1.44 13.43
CA ARG B 127 -5.82 -0.18 12.85
C ARG B 127 -4.83 0.50 13.81
N GLN B 128 -5.12 0.43 15.10
CA GLN B 128 -4.24 1.01 16.11
C GLN B 128 -2.88 0.34 16.12
N GLN B 129 -2.88 -1.00 16.10
CA GLN B 129 -1.65 -1.79 16.06
C GLN B 129 -0.79 -1.34 14.91
N ARG B 130 -1.44 -1.12 13.76
CA ARG B 130 -0.75 -0.75 12.53
C ARG B 130 -0.13 0.63 12.66
N GLN B 131 -0.94 1.59 13.09
CA GLN B 131 -0.49 2.96 13.29
C GLN B 131 0.80 3.04 14.11
N SER B 132 0.78 2.46 15.31
CA SER B 132 1.93 2.45 16.17
C SER B 132 3.07 1.65 15.54
N ALA B 133 2.75 0.50 14.95
CA ALA B 133 3.77 -0.27 14.25
C ALA B 133 4.48 0.62 13.23
N VAL B 134 3.72 1.39 12.47
CA VAL B 134 4.30 2.25 11.45
C VAL B 134 5.03 3.46 12.04
N LEU B 135 4.49 4.10 13.07
CA LEU B 135 5.20 5.22 13.70
C LEU B 135 6.54 4.73 14.25
N ASP B 136 6.54 3.51 14.80
CA ASP B 136 7.76 2.89 15.31
C ASP B 136 8.77 2.84 14.19
N CYS B 137 8.46 2.03 13.19
CA CYS B 137 9.29 1.88 12.03
C CYS B 137 9.76 3.26 11.53
N HIS B 138 8.88 4.25 11.60
CA HIS B 138 9.20 5.61 11.18
C HIS B 138 10.29 6.23 12.04
N LYS B 139 10.12 6.14 13.36
CA LYS B 139 11.13 6.68 14.27
C LYS B 139 12.46 6.06 13.91
N GLY B 140 12.52 4.73 13.94
CA GLY B 140 13.70 3.99 13.51
C GLY B 140 14.34 4.52 12.23
N ILE B 141 13.54 4.70 11.19
CA ILE B 141 14.07 5.18 9.91
C ILE B 141 14.72 6.56 10.05
N THR B 142 14.01 7.49 10.70
CA THR B 142 14.55 8.84 10.90
C THR B 142 15.91 8.79 11.63
N LEU B 143 16.01 7.96 12.66
CA LEU B 143 17.26 7.81 13.40
C LEU B 143 18.43 7.43 12.49
N ALA B 144 18.19 6.43 11.63
CA ALA B 144 19.20 5.98 10.70
C ALA B 144 19.62 7.10 9.78
N LEU B 145 18.65 7.82 9.24
CA LEU B 145 18.93 8.92 8.32
C LEU B 145 19.82 9.99 8.97
N ALA B 146 19.53 10.33 10.22
CA ALA B 146 20.33 11.24 11.01
C ALA B 146 21.79 10.78 11.06
N ASN B 147 21.99 9.48 11.31
CA ASN B 147 23.33 8.90 11.44
C ASN B 147 24.13 8.96 10.15
N ALA B 148 23.49 8.63 9.02
CA ALA B 148 24.12 8.70 7.72
C ALA B 148 24.55 10.13 7.43
N VAL B 149 23.77 11.09 7.94
CA VAL B 149 24.05 12.51 7.78
C VAL B 149 25.25 12.93 8.64
N ARG B 150 25.18 12.62 9.94
CA ARG B 150 26.30 12.84 10.87
C ARG B 150 27.60 12.28 10.30
N ARG B 151 27.49 11.38 9.33
CA ARG B 151 28.66 10.72 8.75
C ARG B 151 28.84 11.12 7.28
N GLY B 152 28.11 12.15 6.85
CA GLY B 152 28.19 12.63 5.47
C GLY B 152 28.08 11.51 4.45
N GLN B 153 27.06 10.65 4.62
CA GLN B 153 26.72 9.65 3.61
C GLN B 153 25.55 10.15 2.75
N LEU B 154 24.82 11.11 3.30
CA LEU B 154 23.72 11.79 2.63
C LEU B 154 23.81 13.27 2.98
N PRO B 155 23.40 14.15 2.04
CA PRO B 155 23.49 15.60 2.15
C PRO B 155 23.09 16.27 3.49
N GLY B 156 23.71 17.41 3.76
CA GLY B 156 23.72 17.97 5.10
C GLY B 156 22.32 18.21 5.65
N GLU B 157 21.68 19.27 5.16
CA GLU B 157 20.37 19.68 5.67
C GLU B 157 19.25 18.85 5.06
N LEU B 158 19.29 17.54 5.28
CA LEU B 158 18.30 16.61 4.68
C LEU B 158 17.13 16.46 5.63
N ASP B 159 15.96 16.95 5.18
CA ASP B 159 14.74 16.80 5.96
C ASP B 159 14.52 15.31 6.21
N ALA B 160 14.96 14.87 7.37
CA ALA B 160 14.89 13.47 7.77
C ALA B 160 13.46 12.96 7.73
N GLU B 161 12.58 13.62 8.51
CA GLU B 161 11.20 13.21 8.66
C GLU B 161 10.58 12.89 7.31
N ARG B 162 10.70 13.85 6.39
CA ARG B 162 10.11 13.73 5.07
C ARG B 162 10.76 12.63 4.22
N ALA B 163 12.07 12.44 4.37
CA ALA B 163 12.77 11.40 3.62
C ALA B 163 12.39 10.01 4.17
N ALA B 164 12.25 9.92 5.49
CA ALA B 164 11.81 8.68 6.14
C ALA B 164 10.50 8.20 5.55
N VAL B 165 9.55 9.13 5.44
CA VAL B 165 8.23 8.86 4.93
C VAL B 165 8.33 8.49 3.45
N ALA B 166 9.20 9.19 2.73
CA ALA B 166 9.37 8.93 1.31
C ALA B 166 9.93 7.51 1.08
N MET B 167 10.93 7.15 1.91
CA MET B 167 11.49 5.80 1.93
C MET B 167 10.44 4.73 2.20
N PHE B 168 9.81 4.83 3.37
CA PHE B 168 8.84 3.86 3.80
C PHE B 168 7.76 3.73 2.76
N ALA B 169 7.24 4.86 2.30
CA ALA B 169 6.22 4.85 1.25
C ALA B 169 6.67 4.02 0.05
N TYR B 170 7.84 4.35 -0.49
CA TYR B 170 8.40 3.68 -1.66
C TYR B 170 8.52 2.18 -1.43
N VAL B 171 9.22 1.79 -0.38
CA VAL B 171 9.41 0.39 -0.06
C VAL B 171 8.04 -0.26 0.10
N ASP B 172 7.22 0.33 0.94
CA ASP B 172 5.91 -0.22 1.21
C ASP B 172 5.13 -0.46 -0.09
N GLY B 173 5.03 0.55 -0.95
CA GLY B 173 4.26 0.44 -2.17
C GLY B 173 4.86 -0.56 -3.14
N LEU B 174 6.18 -0.71 -3.08
CA LEU B 174 6.86 -1.69 -3.91
C LEU B 174 6.55 -3.11 -3.49
N ILE B 175 6.52 -3.33 -2.17
CA ILE B 175 6.19 -4.63 -1.63
C ILE B 175 4.79 -4.99 -2.05
N ARG B 176 3.87 -4.07 -1.81
CA ARG B 176 2.48 -4.26 -2.15
C ARG B 176 2.30 -4.50 -3.67
N ARG B 177 3.13 -3.84 -4.48
CA ARG B 177 3.07 -4.01 -5.93
C ARG B 177 3.54 -5.40 -6.36
N TRP B 178 4.60 -5.89 -5.74
CA TRP B 178 5.08 -7.22 -6.03
C TRP B 178 4.06 -8.25 -5.57
N LEU B 179 3.43 -7.99 -4.43
CA LEU B 179 2.40 -8.87 -3.93
C LEU B 179 1.20 -9.00 -4.87
N LEU B 180 0.79 -7.90 -5.49
CA LEU B 180 -0.36 -7.89 -6.36
C LEU B 180 -0.02 -8.44 -7.75
N LEU B 181 1.17 -8.11 -8.23
CA LEU B 181 1.62 -8.56 -9.55
C LEU B 181 3.09 -8.93 -9.50
N PRO B 182 3.43 -10.13 -8.99
CA PRO B 182 4.83 -10.56 -8.86
C PRO B 182 5.63 -10.67 -10.16
N ASP B 183 4.99 -11.14 -11.24
CA ASP B 183 5.73 -11.40 -12.49
C ASP B 183 5.98 -10.12 -13.28
N SER B 184 5.74 -8.99 -12.64
CA SER B 184 5.92 -7.69 -13.26
C SER B 184 6.89 -6.83 -12.45
N VAL B 185 7.67 -7.50 -11.59
CA VAL B 185 8.70 -6.86 -10.79
C VAL B 185 9.73 -7.94 -10.46
N ASP B 186 10.71 -8.14 -11.33
CA ASP B 186 11.77 -9.12 -11.04
C ASP B 186 12.50 -8.68 -9.77
N LEU B 187 11.77 -8.78 -8.66
CA LEU B 187 12.24 -8.31 -7.38
C LEU B 187 13.51 -9.02 -6.98
N LEU B 188 13.55 -10.34 -7.14
CA LEU B 188 14.74 -11.10 -6.76
C LEU B 188 15.95 -10.68 -7.59
N GLY B 189 15.97 -11.05 -8.87
CA GLY B 189 17.13 -10.80 -9.74
C GLY B 189 17.66 -9.37 -9.68
N ASP B 190 16.74 -8.40 -9.66
CA ASP B 190 17.08 -6.99 -9.74
C ASP B 190 17.00 -6.28 -8.39
N VAL B 191 17.25 -7.00 -7.30
CA VAL B 191 17.20 -6.39 -5.96
C VAL B 191 18.04 -5.14 -5.80
N GLU B 192 19.26 -5.16 -6.37
CA GLU B 192 20.19 -4.04 -6.31
C GLU B 192 19.55 -2.75 -6.79
N LYS B 193 19.02 -2.77 -8.02
CA LYS B 193 18.39 -1.60 -8.62
C LYS B 193 17.27 -1.05 -7.73
N TRP B 194 16.31 -1.91 -7.38
CA TRP B 194 15.15 -1.48 -6.62
C TRP B 194 15.51 -0.80 -5.33
N VAL B 195 16.40 -1.42 -4.56
CA VAL B 195 16.89 -0.86 -3.30
C VAL B 195 17.55 0.51 -3.52
N ASP B 196 18.48 0.55 -4.48
CA ASP B 196 19.22 1.76 -4.79
C ASP B 196 18.32 2.86 -5.33
N THR B 197 17.35 2.50 -6.17
CA THR B 197 16.41 3.49 -6.68
C THR B 197 15.88 4.27 -5.49
N GLY B 198 15.38 3.55 -4.48
CA GLY B 198 14.92 4.15 -3.24
C GLY B 198 15.98 4.98 -2.57
N LEU B 199 17.16 4.39 -2.35
CA LEU B 199 18.29 5.09 -1.71
C LEU B 199 18.75 6.34 -2.46
N ASP B 200 18.80 6.27 -3.78
CA ASP B 200 19.18 7.42 -4.63
C ASP B 200 18.28 8.61 -4.35
N MET B 201 16.97 8.34 -4.31
CA MET B 201 15.96 9.35 -3.98
C MET B 201 16.37 10.15 -2.73
N LEU B 202 16.76 9.45 -1.67
CA LEU B 202 17.12 10.09 -0.40
C LEU B 202 18.25 11.13 -0.50
N ARG B 203 19.17 10.94 -1.42
CA ARG B 203 20.34 11.81 -1.53
C ARG B 203 20.30 12.77 -2.72
N LEU B 204 19.83 12.27 -3.86
CA LEU B 204 19.83 13.04 -5.10
C LEU B 204 18.62 13.93 -5.26
N SER B 205 17.60 13.74 -4.45
CA SER B 205 16.38 14.52 -4.57
C SER B 205 16.46 15.81 -3.77
N PRO B 206 16.40 16.97 -4.45
CA PRO B 206 16.39 18.30 -3.82
C PRO B 206 15.12 18.58 -3.02
N ALA B 207 14.00 18.02 -3.45
CA ALA B 207 12.71 18.20 -2.78
C ALA B 207 12.76 17.70 -1.33
N LEU B 208 13.59 16.69 -1.08
CA LEU B 208 13.84 16.16 0.27
C LEU B 208 14.84 16.99 1.08
N ARG B 209 15.45 17.99 0.44
CA ARG B 209 16.38 18.90 1.10
C ARG B 209 15.67 20.17 1.61
N LYS B 210 14.94 20.03 2.72
CA LYS B 210 14.27 21.14 3.41
C LYS B 210 13.56 22.17 2.52
#